data_4AJS
#
_entry.id   4AJS
#
_cell.length_a   103.585
_cell.length_b   103.585
_cell.length_c   149.680
_cell.angle_alpha   90.00
_cell.angle_beta   90.00
_cell.angle_gamma   90.00
#
_symmetry.space_group_name_H-M   'P 43 21 2'
#
loop_
_entity.id
_entity.type
_entity.pdbx_description
1 polymer 'ISOCITRATE DEHYDROGENASE [NADP]'
2 non-polymer "ADENOSINE-2'-5'-DIPHOSPHATE"
3 non-polymer 'ISOCITRIC ACID'
4 non-polymer 'MAGNESIUM ION'
5 non-polymer 'BETA-NICOTINAMIDE RIBOSE MONOPHOSPHATE'
6 non-polymer 'SULFATE ION'
7 water water
#
_entity_poly.entity_id   1
_entity_poly.type   'polypeptide(L)'
_entity_poly.pdbx_seq_one_letter_code
;MESKVVVPAQGKKITLQNGKLNVPENPIIPYIEGDGIGVDVTPAMLKVVDAAVEKAYKGERKISWMEIYTGEKSTQVYGQ
DVWLPAETLDLIREYRVAIMGPLTTPVGGGIRSLNVALRQELDLYICLRPVRYYQGTPSPVKHPELTDMVIFRENSEDIY
AGIEWKADSADAEKVIKFLREEMGVKKIRFPEHCGIGIKPCSEEGTKRLVRAAIEYAIANDRDSVTLVHKGNIMKFTEGA
FKDWGYQLAREEFGGELIDGGPWLKVKNPNTGKEIVIKDVIADAFLQQILLRPAEYDVIACMNLNGDYISDALAAQVGGI
GIAPGANIGDECALFEATHGTAPKYAGQDKVNPGSIILSAEMMLRHMGWTEAADLIVKGMEGAINAKTVTYDFERLMDGA
KLLKCSEFGDAIIENM
;
_entity_poly.pdbx_strand_id   A
#
loop_
_chem_comp.id
_chem_comp.type
_chem_comp.name
_chem_comp.formula
A2P non-polymer ADENOSINE-2'-5'-DIPHOSPHATE 'C10 H15 N5 O10 P2'
ICT non-polymer 'ISOCITRIC ACID' 'C6 H8 O7'
MG non-polymer 'MAGNESIUM ION' 'Mg 2'
NMN non-polymer 'BETA-NICOTINAMIDE RIBOSE MONOPHOSPHATE' 'C11 H16 N2 O8 P 1'
SO4 non-polymer 'SULFATE ION' 'O4 S -2'
#
# COMPACT_ATOMS: atom_id res chain seq x y z
N GLU A 2 26.17 17.19 -6.16
CA GLU A 2 26.20 16.37 -7.37
C GLU A 2 25.49 15.04 -7.15
N SER A 3 24.61 14.67 -8.09
CA SER A 3 23.88 13.42 -7.99
C SER A 3 24.82 12.22 -7.83
N LYS A 4 24.46 11.29 -6.95
CA LYS A 4 25.22 10.05 -6.81
C LYS A 4 24.45 8.87 -7.42
N VAL A 5 23.38 9.18 -8.12
CA VAL A 5 22.62 8.14 -8.82
C VAL A 5 23.28 7.84 -10.16
N VAL A 6 23.37 6.55 -10.50
CA VAL A 6 23.97 6.14 -11.75
C VAL A 6 22.92 5.56 -12.69
N VAL A 7 22.64 6.26 -13.79
CA VAL A 7 21.68 5.78 -14.76
C VAL A 7 22.26 4.62 -15.55
N PRO A 8 21.64 3.44 -15.47
CA PRO A 8 22.19 2.25 -16.13
C PRO A 8 22.46 2.49 -17.62
N ALA A 9 23.64 2.08 -18.07
CA ALA A 9 24.05 2.23 -19.46
C ALA A 9 23.09 1.53 -20.41
N GLN A 10 22.76 0.28 -20.08
CA GLN A 10 21.77 -0.46 -20.84
C GLN A 10 20.45 -0.36 -20.12
N GLY A 11 19.42 0.05 -20.84
CA GLY A 11 18.12 0.23 -20.21
C GLY A 11 17.41 1.44 -20.76
N LYS A 12 16.09 1.39 -20.73
CA LYS A 12 15.29 2.45 -21.31
C LYS A 12 14.19 2.84 -20.34
N LYS A 13 13.76 4.08 -20.42
CA LYS A 13 12.73 4.65 -19.57
C LYS A 13 11.32 4.19 -19.98
N ILE A 14 10.54 3.74 -19.00
CA ILE A 14 9.13 3.48 -19.18
C ILE A 14 8.44 4.79 -19.49
N THR A 15 7.47 4.78 -20.39
CA THR A 15 6.76 6.00 -20.71
C THR A 15 5.25 5.84 -20.51
N LEU A 16 4.54 6.96 -20.52
CA LEU A 16 3.10 6.97 -20.27
C LEU A 16 2.38 7.70 -21.38
N GLN A 17 1.45 7.01 -22.04
CA GLN A 17 0.68 7.60 -23.12
C GLN A 17 -0.79 7.21 -22.99
N ASN A 18 -1.66 8.22 -22.88
CA ASN A 18 -3.09 7.98 -22.78
C ASN A 18 -3.42 7.13 -21.56
N GLY A 19 -2.78 7.44 -20.44
CA GLY A 19 -3.01 6.70 -19.21
C GLY A 19 -2.65 5.23 -19.31
N LYS A 20 -1.80 4.89 -20.28
CA LYS A 20 -1.33 3.52 -20.41
C LYS A 20 0.19 3.47 -20.44
N LEU A 21 0.77 2.61 -19.60
CA LEU A 21 2.22 2.48 -19.53
C LEU A 21 2.77 1.82 -20.80
N ASN A 22 3.89 2.35 -21.27
CA ASN A 22 4.63 1.73 -22.36
C ASN A 22 5.95 1.22 -21.82
N VAL A 23 6.02 -0.09 -21.60
CA VAL A 23 7.15 -0.71 -20.93
C VAL A 23 8.06 -1.39 -21.95
N PRO A 24 9.30 -0.91 -22.08
CA PRO A 24 10.26 -1.56 -22.99
C PRO A 24 10.74 -2.90 -22.41
N GLU A 25 11.48 -3.63 -23.22
CA GLU A 25 12.00 -4.93 -22.82
CA GLU A 25 12.00 -4.93 -22.81
C GLU A 25 13.10 -4.78 -21.77
N ASN A 26 13.70 -3.58 -21.71
CA ASN A 26 14.80 -3.31 -20.80
C ASN A 26 14.51 -2.09 -19.96
N PRO A 27 13.45 -2.16 -19.13
CA PRO A 27 13.06 -0.97 -18.38
C PRO A 27 14.03 -0.67 -17.25
N ILE A 28 14.32 0.61 -17.04
CA ILE A 28 15.06 1.05 -15.87
C ILE A 28 14.07 1.18 -14.71
N ILE A 29 14.36 0.51 -13.59
CA ILE A 29 13.48 0.59 -12.42
C ILE A 29 14.25 1.14 -11.23
N PRO A 30 13.88 2.33 -10.74
CA PRO A 30 14.56 2.82 -9.54
C PRO A 30 14.16 2.00 -8.33
N TYR A 31 15.11 1.74 -7.42
CA TYR A 31 14.77 1.09 -6.16
C TYR A 31 15.47 1.76 -4.99
N ILE A 32 14.77 1.80 -3.87
CA ILE A 32 15.33 2.29 -2.62
C ILE A 32 15.57 1.08 -1.74
N GLU A 33 16.81 0.89 -1.31
CA GLU A 33 17.17 -0.31 -0.59
C GLU A 33 16.37 -0.44 0.71
N GLY A 34 16.18 0.70 1.38
CA GLY A 34 15.49 0.70 2.66
C GLY A 34 16.49 0.60 3.81
N ASP A 35 16.08 1.08 4.96
CA ASP A 35 16.96 1.05 6.13
C ASP A 35 16.75 -0.23 6.94
N GLY A 36 17.55 -0.41 7.97
CA GLY A 36 17.46 -1.62 8.76
C GLY A 36 17.48 -2.88 7.89
N ILE A 37 16.44 -3.70 8.00
CA ILE A 37 16.39 -4.98 7.30
C ILE A 37 16.22 -4.86 5.79
N GLY A 38 16.09 -3.63 5.29
CA GLY A 38 16.17 -3.38 3.87
C GLY A 38 17.42 -4.02 3.26
N VAL A 39 18.52 -4.00 4.01
CA VAL A 39 19.76 -4.60 3.52
C VAL A 39 19.65 -6.10 3.31
N ASP A 40 18.73 -6.74 4.02
CA ASP A 40 18.47 -8.17 3.89
C ASP A 40 17.41 -8.47 2.82
N VAL A 41 16.29 -7.77 2.89
CA VAL A 41 15.17 -8.17 2.02
C VAL A 41 15.29 -7.67 0.59
N THR A 42 15.94 -6.54 0.39
CA THR A 42 16.02 -5.98 -0.96
C THR A 42 16.83 -6.85 -1.94
N PRO A 43 18.01 -7.34 -1.52
CA PRO A 43 18.77 -8.27 -2.40
C PRO A 43 17.99 -9.54 -2.71
N ALA A 44 17.24 -10.05 -1.74
CA ALA A 44 16.41 -11.21 -1.98
C ALA A 44 15.36 -10.88 -3.04
N MET A 45 14.75 -9.70 -2.91
CA MET A 45 13.77 -9.26 -3.90
C MET A 45 14.37 -9.15 -5.30
N LEU A 46 15.55 -8.52 -5.42
CA LEU A 46 16.17 -8.33 -6.72
C LEU A 46 16.44 -9.68 -7.40
N LYS A 47 16.94 -10.64 -6.63
CA LYS A 47 17.23 -11.97 -7.18
C LYS A 47 15.97 -12.71 -7.61
N VAL A 48 14.91 -12.64 -6.80
CA VAL A 48 13.68 -13.35 -7.12
C VAL A 48 13.02 -12.73 -8.34
N VAL A 49 12.98 -11.40 -8.39
CA VAL A 49 12.38 -10.72 -9.53
C VAL A 49 13.18 -11.05 -10.81
N ASP A 50 14.50 -10.95 -10.75
CA ASP A 50 15.31 -11.24 -11.94
C ASP A 50 15.07 -12.66 -12.45
N ALA A 51 14.95 -13.62 -11.52
CA ALA A 51 14.69 -15.01 -11.90
C ALA A 51 13.32 -15.19 -12.54
N ALA A 52 12.30 -14.57 -11.97
CA ALA A 52 10.96 -14.67 -12.54
C ALA A 52 10.90 -14.05 -13.94
N VAL A 53 11.58 -12.92 -14.11
CA VAL A 53 11.61 -12.23 -15.40
C VAL A 53 12.38 -13.09 -16.41
N GLU A 54 13.50 -13.65 -15.98
CA GLU A 54 14.30 -14.50 -16.87
C GLU A 54 13.52 -15.74 -17.30
N LYS A 55 12.87 -16.40 -16.35
CA LYS A 55 12.12 -17.61 -16.65
C LYS A 55 10.90 -17.33 -17.53
N ALA A 56 10.19 -16.25 -17.24
CA ALA A 56 8.96 -15.95 -17.95
C ALA A 56 9.19 -15.60 -19.40
N TYR A 57 10.20 -14.79 -19.68
CA TYR A 57 10.37 -14.26 -21.03
C TYR A 57 11.63 -14.74 -21.74
N LYS A 58 12.25 -15.78 -21.17
CA LYS A 58 13.37 -16.47 -21.81
C LYS A 58 14.51 -15.54 -22.21
N GLY A 59 14.79 -14.57 -21.36
CA GLY A 59 15.91 -13.67 -21.59
C GLY A 59 15.62 -12.49 -22.49
N GLU A 60 14.41 -12.42 -23.04
CA GLU A 60 14.05 -11.30 -23.91
C GLU A 60 13.92 -10.01 -23.14
N ARG A 61 13.46 -10.13 -21.89
CA ARG A 61 13.26 -8.96 -21.04
C ARG A 61 14.21 -8.99 -19.85
N LYS A 62 14.59 -7.80 -19.38
CA LYS A 62 15.47 -7.69 -18.22
C LYS A 62 15.33 -6.31 -17.60
N ILE A 63 15.19 -6.26 -16.28
CA ILE A 63 15.14 -4.99 -15.60
C ILE A 63 16.54 -4.46 -15.35
N SER A 64 16.75 -3.17 -15.67
CA SER A 64 17.97 -2.47 -15.29
C SER A 64 17.71 -1.71 -13.99
N TRP A 65 18.13 -2.31 -12.88
CA TRP A 65 17.85 -1.71 -11.58
C TRP A 65 18.74 -0.50 -11.36
N MET A 66 18.16 0.57 -10.83
CA MET A 66 18.91 1.79 -10.55
C MET A 66 18.67 2.21 -9.11
N GLU A 67 19.70 2.13 -8.27
CA GLU A 67 19.52 2.52 -6.87
C GLU A 67 19.31 4.02 -6.70
N ILE A 68 18.30 4.38 -5.91
CA ILE A 68 18.06 5.78 -5.55
C ILE A 68 17.87 5.82 -4.03
N TYR A 69 17.79 7.02 -3.45
CA TYR A 69 17.93 7.14 -2.00
C TYR A 69 16.83 7.90 -1.25
N THR A 70 16.51 7.38 -0.06
CA THR A 70 15.63 8.06 0.89
C THR A 70 15.82 7.38 2.22
N GLY A 71 15.83 8.13 3.31
CA GLY A 71 15.96 7.55 4.62
C GLY A 71 17.38 7.71 5.17
N GLU A 72 17.75 6.85 6.11
CA GLU A 72 19.07 6.96 6.73
CA GLU A 72 19.07 6.87 6.73
C GLU A 72 20.17 6.80 5.69
N LYS A 73 20.04 5.84 4.77
CA LYS A 73 21.07 5.68 3.74
C LYS A 73 21.26 6.96 2.92
N SER A 74 20.18 7.71 2.68
CA SER A 74 20.30 8.95 1.94
C SER A 74 21.22 9.94 2.65
N THR A 75 21.15 9.96 3.99
CA THR A 75 22.01 10.87 4.75
C THR A 75 23.47 10.46 4.59
N GLN A 76 23.72 9.16 4.52
CA GLN A 76 25.09 8.67 4.35
C GLN A 76 25.63 9.00 2.96
N VAL A 77 24.73 9.09 1.99
CA VAL A 77 25.12 9.37 0.61
C VAL A 77 25.16 10.86 0.29
N TYR A 78 24.08 11.57 0.62
CA TYR A 78 23.90 12.95 0.19
C TYR A 78 24.35 13.96 1.25
N GLY A 79 24.55 13.49 2.48
CA GLY A 79 24.93 14.40 3.55
C GLY A 79 23.92 14.57 4.66
N GLN A 80 24.30 15.39 5.63
CA GLN A 80 23.67 15.46 6.95
C GLN A 80 22.13 15.45 7.04
N ASP A 81 21.47 16.46 6.48
CA ASP A 81 20.03 16.57 6.70
C ASP A 81 19.25 16.15 5.45
N VAL A 82 19.86 15.32 4.61
CA VAL A 82 19.23 14.92 3.37
C VAL A 82 18.53 13.57 3.53
N TRP A 83 17.31 13.60 4.07
CA TRP A 83 16.54 12.38 4.30
C TRP A 83 15.72 12.01 3.07
N LEU A 84 15.30 13.02 2.31
CA LEU A 84 14.55 12.80 1.08
C LEU A 84 15.01 13.80 0.04
N PRO A 85 15.97 13.40 -0.81
CA PRO A 85 16.52 14.30 -1.81
C PRO A 85 15.49 14.63 -2.88
N ALA A 86 15.49 15.87 -3.35
CA ALA A 86 14.58 16.29 -4.40
C ALA A 86 14.71 15.37 -5.60
N GLU A 87 15.93 14.90 -5.83
CA GLU A 87 16.24 14.03 -6.97
C GLU A 87 15.41 12.75 -6.94
N THR A 88 15.14 12.25 -5.74
CA THR A 88 14.38 11.03 -5.62
C THR A 88 12.95 11.22 -6.10
N LEU A 89 12.34 12.34 -5.75
CA LEU A 89 11.00 12.66 -6.25
C LEU A 89 11.00 12.80 -7.76
N ASP A 90 12.03 13.47 -8.31
CA ASP A 90 12.11 13.64 -9.76
C ASP A 90 12.27 12.31 -10.47
N LEU A 91 13.11 11.43 -9.93
CA LEU A 91 13.42 10.19 -10.61
C LEU A 91 12.25 9.21 -10.60
N ILE A 92 11.50 9.16 -9.51
CA ILE A 92 10.35 8.26 -9.46
C ILE A 92 9.30 8.70 -10.48
N ARG A 93 9.06 10.00 -10.55
CA ARG A 93 8.12 10.54 -11.52
C ARG A 93 8.59 10.29 -12.95
N GLU A 94 9.89 10.51 -13.20
CA GLU A 94 10.47 10.36 -14.54
CA GLU A 94 10.43 10.36 -14.55
C GLU A 94 10.44 8.91 -15.03
N TYR A 95 10.73 7.97 -14.13
CA TYR A 95 10.84 6.56 -14.51
C TYR A 95 9.56 5.75 -14.29
N ARG A 96 8.55 6.40 -13.70
CA ARG A 96 7.18 5.89 -13.68
C ARG A 96 6.87 4.75 -12.70
N VAL A 97 7.81 3.85 -12.50
CA VAL A 97 7.61 2.67 -11.65
C VAL A 97 8.84 2.45 -10.77
N ALA A 98 8.63 2.30 -9.46
CA ALA A 98 9.75 2.16 -8.54
C ALA A 98 9.37 1.31 -7.33
N ILE A 99 10.35 0.82 -6.58
CA ILE A 99 10.08 -0.03 -5.42
C ILE A 99 10.99 0.34 -4.26
N MET A 100 10.51 0.18 -3.03
CA MET A 100 11.33 0.54 -1.86
C MET A 100 11.19 -0.46 -0.70
N GLY A 101 12.28 -0.62 0.05
CA GLY A 101 12.24 -1.34 1.31
C GLY A 101 11.71 -0.42 2.39
N PRO A 102 11.76 -0.85 3.65
CA PRO A 102 11.23 -0.03 4.76
C PRO A 102 12.11 1.19 5.02
N LEU A 103 11.56 2.28 5.55
CA LEU A 103 12.34 3.52 5.74
C LEU A 103 12.41 3.97 7.19
N THR A 104 13.56 4.50 7.58
CA THR A 104 13.71 5.13 8.91
C THR A 104 13.38 6.61 8.82
N THR A 105 12.33 7.03 9.52
CA THR A 105 12.05 8.46 9.72
C THR A 105 12.57 8.88 11.09
N PRO A 106 13.43 9.90 11.13
CA PRO A 106 14.06 10.32 12.39
C PRO A 106 13.07 10.98 13.34
N VAL A 107 13.34 10.88 14.64
CA VAL A 107 12.51 11.46 15.68
C VAL A 107 13.32 12.54 16.40
N GLY A 108 12.68 13.65 16.74
CA GLY A 108 13.35 14.71 17.47
C GLY A 108 13.73 15.89 16.61
N GLY A 109 13.65 15.69 15.29
CA GLY A 109 13.98 16.75 14.35
C GLY A 109 12.75 17.37 13.72
N GLY A 110 11.59 17.01 14.24
CA GLY A 110 10.33 17.54 13.74
C GLY A 110 10.07 17.29 12.28
N ILE A 111 10.45 16.11 11.78
CA ILE A 111 10.10 15.77 10.40
C ILE A 111 9.10 14.62 10.36
N ARG A 112 8.18 14.68 9.40
CA ARG A 112 7.05 13.74 9.37
C ARG A 112 7.36 12.50 8.52
N SER A 113 6.56 11.45 8.69
CA SER A 113 6.82 10.16 8.05
C SER A 113 7.31 10.30 6.62
N LEU A 114 8.44 9.68 6.31
CA LEU A 114 9.01 9.71 4.97
C LEU A 114 8.14 8.94 3.98
N ASN A 115 7.52 7.85 4.45
CA ASN A 115 6.58 7.13 3.60
C ASN A 115 5.42 8.01 3.18
N VAL A 116 4.86 8.75 4.13
CA VAL A 116 3.76 9.65 3.84
C VAL A 116 4.22 10.79 2.94
N ALA A 117 5.41 11.31 3.21
CA ALA A 117 5.96 12.37 2.36
C ALA A 117 6.09 11.93 0.91
N LEU A 118 6.59 10.73 0.68
CA LEU A 118 6.69 10.22 -0.70
C LEU A 118 5.30 10.15 -1.34
N ARG A 119 4.33 9.61 -0.59
CA ARG A 119 2.97 9.48 -1.12
C ARG A 119 2.35 10.83 -1.50
N GLN A 120 2.48 11.81 -0.60
CA GLN A 120 1.83 13.10 -0.81
C GLN A 120 2.54 13.95 -1.88
N GLU A 121 3.87 14.00 -1.83
CA GLU A 121 4.64 14.78 -2.79
C GLU A 121 4.43 14.31 -4.22
N LEU A 122 4.31 13.01 -4.39
CA LEU A 122 4.14 12.42 -5.71
C LEU A 122 2.67 12.23 -6.07
N ASP A 123 1.78 12.64 -5.16
CA ASP A 123 0.33 12.52 -5.36
C ASP A 123 -0.09 11.08 -5.69
N LEU A 124 0.52 10.12 -5.00
CA LEU A 124 0.13 8.72 -5.14
C LEU A 124 -1.10 8.46 -4.27
N TYR A 125 -2.27 8.79 -4.80
CA TYR A 125 -3.49 8.89 -3.97
C TYR A 125 -4.14 7.54 -3.65
N ILE A 126 -3.68 6.47 -4.27
CA ILE A 126 -4.14 5.13 -3.94
C ILE A 126 -3.08 4.38 -3.15
N CYS A 127 -3.42 3.95 -1.93
CA CYS A 127 -2.60 2.95 -1.24
C CYS A 127 -3.29 1.62 -1.48
N LEU A 128 -2.68 0.76 -2.29
CA LEU A 128 -3.33 -0.47 -2.72
C LEU A 128 -2.73 -1.64 -1.93
N ARG A 129 -3.54 -2.27 -1.08
CA ARG A 129 -3.06 -3.36 -0.25
C ARG A 129 -3.95 -4.59 -0.33
N PRO A 130 -3.58 -5.52 -1.21
CA PRO A 130 -4.31 -6.79 -1.32
C PRO A 130 -3.92 -7.72 -0.16
N VAL A 131 -4.91 -8.39 0.41
CA VAL A 131 -4.68 -9.34 1.48
C VAL A 131 -5.33 -10.69 1.16
N ARG A 132 -4.50 -11.69 0.95
CA ARG A 132 -4.98 -13.05 0.68
C ARG A 132 -4.24 -13.99 1.61
N TYR A 133 -4.68 -15.25 1.65
CA TYR A 133 -4.02 -16.26 2.46
C TYR A 133 -3.16 -17.16 1.59
N TYR A 134 -1.96 -17.47 2.06
CA TYR A 134 -1.13 -18.48 1.43
C TYR A 134 -1.21 -19.78 2.24
N GLN A 135 -1.77 -20.82 1.61
CA GLN A 135 -1.93 -22.11 2.29
C GLN A 135 -0.64 -22.52 3.00
N GLY A 136 -0.77 -22.98 4.24
CA GLY A 136 0.40 -23.36 5.03
C GLY A 136 0.95 -22.28 5.94
N THR A 137 0.48 -21.05 5.80
CA THR A 137 0.93 -19.96 6.67
C THR A 137 0.26 -20.10 8.05
N PRO A 138 1.06 -20.06 9.13
CA PRO A 138 0.47 -20.11 10.47
C PRO A 138 -0.37 -18.86 10.73
N SER A 139 -1.60 -19.03 11.19
CA SER A 139 -2.54 -17.92 11.38
C SER A 139 -3.19 -18.02 12.75
N PRO A 140 -3.49 -16.86 13.37
CA PRO A 140 -4.18 -16.92 14.66
C PRO A 140 -5.68 -17.20 14.53
N VAL A 141 -6.22 -17.24 13.32
CA VAL A 141 -7.65 -17.45 13.17
C VAL A 141 -7.96 -18.82 12.59
N LYS A 142 -9.19 -19.27 12.78
CA LYS A 142 -9.57 -20.62 12.38
C LYS A 142 -9.65 -20.79 10.88
N HIS A 143 -10.16 -19.77 10.18
CA HIS A 143 -10.37 -19.90 8.74
C HIS A 143 -9.81 -18.74 7.90
N PRO A 144 -8.49 -18.59 7.90
CA PRO A 144 -7.82 -17.50 7.17
C PRO A 144 -8.05 -17.60 5.67
N GLU A 145 -8.35 -18.80 5.17
CA GLU A 145 -8.53 -18.99 3.74
C GLU A 145 -9.77 -18.25 3.22
N LEU A 146 -10.65 -17.84 4.13
CA LEU A 146 -11.84 -17.07 3.75
C LEU A 146 -11.56 -15.61 3.43
N THR A 147 -10.35 -15.15 3.74
CA THR A 147 -9.95 -13.77 3.49
C THR A 147 -9.26 -13.59 2.13
N ASP A 148 -9.89 -12.81 1.27
CA ASP A 148 -9.35 -12.51 -0.05
C ASP A 148 -9.92 -11.13 -0.43
N MET A 149 -9.23 -10.09 0.04
CA MET A 149 -9.74 -8.72 -0.09
C MET A 149 -8.69 -7.82 -0.74
N VAL A 150 -9.13 -6.67 -1.22
CA VAL A 150 -8.20 -5.71 -1.82
C VAL A 150 -8.53 -4.33 -1.26
N ILE A 151 -7.58 -3.74 -0.55
CA ILE A 151 -7.83 -2.46 0.10
C ILE A 151 -7.40 -1.28 -0.78
N PHE A 152 -8.36 -0.41 -1.08
CA PHE A 152 -8.07 0.87 -1.72
C PHE A 152 -8.16 1.93 -0.65
N ARG A 153 -7.01 2.32 -0.12
CA ARG A 153 -6.92 3.29 0.97
C ARG A 153 -6.57 4.67 0.39
N GLU A 154 -7.42 5.67 0.66
CA GLU A 154 -7.17 7.02 0.17
C GLU A 154 -5.88 7.53 0.80
N ASN A 155 -5.02 8.16 0.01
CA ASN A 155 -3.63 8.37 0.39
C ASN A 155 -3.20 9.84 0.39
N SER A 156 -4.11 10.77 0.09
CA SER A 156 -3.71 12.17 -0.10
C SER A 156 -4.38 13.15 0.89
N GLU A 157 -5.43 12.71 1.57
CA GLU A 157 -6.08 13.61 2.54
C GLU A 157 -6.37 12.93 3.89
N ASP A 158 -7.46 13.32 4.56
CA ASP A 158 -7.74 12.85 5.93
C ASP A 158 -6.76 13.51 6.88
N ILE A 159 -6.80 13.09 8.13
CA ILE A 159 -5.93 13.65 9.16
C ILE A 159 -4.42 13.46 8.84
N TYR A 160 -4.12 12.64 7.84
CA TYR A 160 -2.77 12.50 7.32
C TYR A 160 -2.22 13.77 6.65
N ALA A 161 -3.09 14.72 6.38
CA ALA A 161 -2.66 15.99 5.81
C ALA A 161 -1.53 16.63 6.63
N GLY A 162 -1.50 16.33 7.93
CA GLY A 162 -0.42 16.80 8.80
C GLY A 162 -0.65 18.24 9.25
N ILE A 163 -1.92 18.62 9.35
CA ILE A 163 -2.29 19.96 9.75
C ILE A 163 -2.67 19.92 11.23
N GLU A 164 -1.82 20.46 12.08
CA GLU A 164 -2.06 20.40 13.51
C GLU A 164 -1.10 21.34 14.25
N TRP A 165 -1.48 21.69 15.48
CA TRP A 165 -0.70 22.62 16.30
C TRP A 165 -0.62 22.13 17.74
N LYS A 166 0.54 22.33 18.36
CA LYS A 166 0.85 21.83 19.69
C LYS A 166 0.09 22.56 20.79
N ALA A 167 -0.34 21.82 21.81
CA ALA A 167 -0.99 22.41 22.97
C ALA A 167 -0.14 23.55 23.54
N ASP A 168 -0.81 24.65 23.87
CA ASP A 168 -0.15 25.82 24.49
C ASP A 168 0.69 26.65 23.52
N SER A 169 0.76 26.24 22.25
CA SER A 169 1.50 27.03 21.27
C SER A 169 0.66 28.24 20.87
N ALA A 170 1.33 29.29 20.40
CA ALA A 170 0.61 30.48 19.94
C ALA A 170 -0.37 30.15 18.81
N ASP A 171 0.05 29.29 17.88
CA ASP A 171 -0.80 28.89 16.76
C ASP A 171 -2.08 28.18 17.23
N ALA A 172 -1.92 27.23 18.14
CA ALA A 172 -3.08 26.49 18.66
C ALA A 172 -4.07 27.45 19.32
N GLU A 173 -3.58 28.32 20.19
CA GLU A 173 -4.45 29.26 20.87
CA GLU A 173 -4.46 29.26 20.88
C GLU A 173 -5.21 30.13 19.87
N LYS A 174 -4.52 30.51 18.80
CA LYS A 174 -5.10 31.33 17.74
C LYS A 174 -6.21 30.58 17.00
N VAL A 175 -5.96 29.32 16.67
CA VAL A 175 -6.98 28.51 16.02
C VAL A 175 -8.17 28.32 16.96
N ILE A 176 -7.89 28.01 18.22
CA ILE A 176 -8.96 27.78 19.18
C ILE A 176 -9.81 29.04 19.35
N LYS A 177 -9.15 30.19 19.45
CA LYS A 177 -9.86 31.46 19.52
C LYS A 177 -10.75 31.68 18.30
N PHE A 178 -10.20 31.43 17.12
CA PHE A 178 -11.01 31.57 15.91
C PHE A 178 -12.23 30.66 15.98
N LEU A 179 -12.02 29.42 16.43
CA LEU A 179 -13.11 28.45 16.48
C LEU A 179 -14.23 28.87 17.43
N ARG A 180 -13.85 29.29 18.63
CA ARG A 180 -14.83 29.63 19.65
C ARG A 180 -15.48 30.98 19.35
N GLU A 181 -14.66 31.96 18.98
CA GLU A 181 -15.14 33.34 18.82
C GLU A 181 -15.74 33.64 17.45
N GLU A 182 -15.13 33.15 16.39
CA GLU A 182 -15.64 33.42 15.04
C GLU A 182 -16.59 32.35 14.52
N MET A 183 -16.32 31.09 14.87
CA MET A 183 -17.17 30.00 14.39
C MET A 183 -18.23 29.59 15.41
N GLY A 184 -18.16 30.17 16.61
CA GLY A 184 -19.14 29.90 17.64
C GLY A 184 -19.09 28.46 18.15
N VAL A 185 -17.90 27.88 18.15
CA VAL A 185 -17.75 26.50 18.58
C VAL A 185 -17.78 26.39 20.10
N LYS A 186 -18.69 25.57 20.61
CA LYS A 186 -18.81 25.37 22.05
C LYS A 186 -18.49 23.95 22.50
N LYS A 187 -18.10 23.08 21.56
CA LYS A 187 -17.94 21.66 21.82
C LYS A 187 -16.54 21.21 22.26
N ILE A 188 -15.60 22.15 22.35
CA ILE A 188 -14.27 21.82 22.86
C ILE A 188 -14.31 21.70 24.39
N ARG A 189 -14.20 20.48 24.89
CA ARG A 189 -14.39 20.23 26.32
C ARG A 189 -13.37 20.99 27.19
N PHE A 190 -12.12 20.93 26.78
CA PHE A 190 -11.03 21.61 27.49
C PHE A 190 -10.24 22.43 26.48
N PRO A 191 -10.52 23.74 26.39
CA PRO A 191 -9.86 24.58 25.39
C PRO A 191 -8.44 25.01 25.76
N GLU A 192 -8.05 24.83 27.02
CA GLU A 192 -6.69 25.14 27.45
C GLU A 192 -5.79 23.91 27.37
N HIS A 193 -4.51 24.13 27.09
CA HIS A 193 -3.53 23.03 26.98
C HIS A 193 -4.08 21.98 26.03
N CYS A 194 -4.50 22.44 24.86
CA CYS A 194 -5.24 21.59 23.95
C CYS A 194 -4.60 21.59 22.57
N GLY A 195 -4.20 20.40 22.11
CA GLY A 195 -3.73 20.23 20.75
C GLY A 195 -4.91 20.16 19.79
N ILE A 196 -4.69 20.59 18.56
CA ILE A 196 -5.75 20.67 17.56
C ILE A 196 -5.27 20.07 16.24
N GLY A 197 -6.09 19.21 15.65
CA GLY A 197 -5.78 18.68 14.32
C GLY A 197 -6.94 18.91 13.37
N ILE A 198 -6.63 19.02 12.07
CA ILE A 198 -7.65 19.26 11.07
C ILE A 198 -7.83 18.06 10.15
N LYS A 199 -9.07 17.65 9.91
CA LYS A 199 -9.38 16.50 9.04
C LYS A 199 -10.16 16.92 7.79
N PRO A 200 -9.49 16.98 6.63
CA PRO A 200 -10.16 17.32 5.37
C PRO A 200 -10.56 16.09 4.59
N CYS A 201 -11.70 16.17 3.91
CA CYS A 201 -12.15 15.15 2.98
C CYS A 201 -12.91 15.84 1.84
N SER A 202 -12.48 15.60 0.61
CA SER A 202 -13.02 16.35 -0.52
C SER A 202 -13.76 15.46 -1.51
N GLU A 203 -14.60 16.08 -2.33
CA GLU A 203 -15.32 15.33 -3.33
C GLU A 203 -14.32 14.77 -4.34
N GLU A 204 -13.36 15.59 -4.76
CA GLU A 204 -12.41 15.14 -5.79
C GLU A 204 -11.49 14.05 -5.26
N GLY A 205 -11.00 14.23 -4.03
CA GLY A 205 -10.15 13.22 -3.40
C GLY A 205 -10.87 11.91 -3.23
N THR A 206 -12.10 11.97 -2.72
CA THR A 206 -12.91 10.77 -2.57
C THR A 206 -13.19 10.08 -3.89
N LYS A 207 -13.67 10.84 -4.86
CA LYS A 207 -14.09 10.19 -6.10
C LYS A 207 -12.96 9.57 -6.91
N ARG A 208 -11.78 10.17 -6.90
CA ARG A 208 -10.68 9.55 -7.65
C ARG A 208 -10.26 8.22 -7.02
N LEU A 209 -10.36 8.13 -5.69
CA LEU A 209 -10.04 6.89 -4.99
C LEU A 209 -11.10 5.83 -5.28
N VAL A 210 -12.37 6.16 -5.07
CA VAL A 210 -13.44 5.19 -5.30
C VAL A 210 -13.51 4.79 -6.79
N ARG A 211 -13.24 5.73 -7.69
CA ARG A 211 -13.25 5.44 -9.12
C ARG A 211 -12.25 4.32 -9.41
N ALA A 212 -11.05 4.44 -8.85
CA ALA A 212 -10.05 3.42 -9.03
C ALA A 212 -10.48 2.07 -8.46
N ALA A 213 -11.11 2.08 -7.28
CA ALA A 213 -11.59 0.83 -6.68
C ALA A 213 -12.60 0.12 -7.57
N ILE A 214 -13.54 0.88 -8.12
CA ILE A 214 -14.57 0.28 -8.97
C ILE A 214 -13.96 -0.22 -10.28
N GLU A 215 -13.06 0.56 -10.88
CA GLU A 215 -12.40 0.10 -12.11
C GLU A 215 -11.61 -1.19 -11.83
N TYR A 216 -11.04 -1.29 -10.64
CA TYR A 216 -10.31 -2.50 -10.28
C TYR A 216 -11.26 -3.69 -10.13
N ALA A 217 -12.40 -3.48 -9.48
CA ALA A 217 -13.39 -4.55 -9.35
C ALA A 217 -13.85 -5.04 -10.73
N ILE A 218 -14.02 -4.11 -11.65
CA ILE A 218 -14.41 -4.48 -13.01
C ILE A 218 -13.27 -5.24 -13.73
N ALA A 219 -12.08 -4.66 -13.69
CA ALA A 219 -10.94 -5.25 -14.41
C ALA A 219 -10.64 -6.66 -13.92
N ASN A 220 -10.86 -6.90 -12.62
CA ASN A 220 -10.51 -8.18 -12.02
C ASN A 220 -11.71 -9.07 -11.65
N ASP A 221 -12.88 -8.72 -12.18
CA ASP A 221 -14.10 -9.50 -11.95
C ASP A 221 -14.33 -9.78 -10.46
N ARG A 222 -14.17 -8.76 -9.63
CA ARG A 222 -14.43 -8.92 -8.21
C ARG A 222 -15.93 -8.80 -7.93
N ASP A 223 -16.34 -9.22 -6.73
CA ASP A 223 -17.76 -9.37 -6.41
C ASP A 223 -18.41 -8.13 -5.79
N SER A 224 -17.61 -7.28 -5.14
CA SER A 224 -18.22 -6.15 -4.45
C SER A 224 -17.18 -5.11 -4.08
N VAL A 225 -17.65 -3.88 -3.86
CA VAL A 225 -16.84 -2.81 -3.31
C VAL A 225 -17.55 -2.32 -2.05
N THR A 226 -16.85 -2.33 -0.92
CA THR A 226 -17.45 -1.88 0.34
C THR A 226 -16.80 -0.58 0.78
N LEU A 227 -17.63 0.45 0.94
CA LEU A 227 -17.19 1.74 1.47
C LEU A 227 -17.22 1.66 2.99
N VAL A 228 -16.06 1.80 3.62
CA VAL A 228 -15.99 1.68 5.07
C VAL A 228 -15.70 3.07 5.63
N HIS A 229 -16.44 3.45 6.67
CA HIS A 229 -16.43 4.85 7.11
C HIS A 229 -17.00 4.93 8.52
N LYS A 230 -16.73 6.02 9.22
CA LYS A 230 -17.41 6.25 10.49
C LYS A 230 -18.31 7.49 10.31
N GLY A 231 -19.20 7.41 9.34
CA GLY A 231 -19.99 8.54 8.93
C GLY A 231 -21.12 8.90 9.88
N ASN A 232 -21.44 8.01 10.82
CA ASN A 232 -22.48 8.33 11.82
C ASN A 232 -22.02 9.32 12.88
N ILE A 233 -20.70 9.49 13.01
CA ILE A 233 -20.12 10.45 13.94
C ILE A 233 -19.46 11.63 13.21
N MET A 234 -18.75 11.32 12.12
CA MET A 234 -18.09 12.33 11.32
C MET A 234 -18.88 12.52 10.03
N LYS A 235 -19.94 13.30 10.12
CA LYS A 235 -20.91 13.36 9.03
C LYS A 235 -20.36 13.98 7.76
N PHE A 236 -19.51 14.98 7.91
CA PHE A 236 -19.11 15.80 6.75
C PHE A 236 -17.76 15.42 6.17
N THR A 237 -17.09 14.46 6.82
CA THR A 237 -15.86 13.92 6.26
C THR A 237 -16.07 12.47 5.88
N GLU A 238 -16.16 11.59 6.88
CA GLU A 238 -16.41 10.17 6.62
C GLU A 238 -17.77 9.91 5.99
N GLY A 239 -18.80 10.58 6.49
CA GLY A 239 -20.13 10.42 5.91
C GLY A 239 -20.16 10.91 4.47
N ALA A 240 -19.47 12.01 4.22
CA ALA A 240 -19.40 12.58 2.87
C ALA A 240 -18.66 11.61 1.92
N PHE A 241 -17.60 11.00 2.43
CA PHE A 241 -16.87 9.97 1.69
C PHE A 241 -17.82 8.88 1.19
N LYS A 242 -18.62 8.34 2.10
CA LYS A 242 -19.60 7.31 1.76
C LYS A 242 -20.61 7.79 0.72
N ASP A 243 -21.18 8.97 0.95
CA ASP A 243 -22.19 9.51 0.03
C ASP A 243 -21.63 9.76 -1.36
N TRP A 244 -20.42 10.34 -1.41
CA TRP A 244 -19.77 10.62 -2.70
C TRP A 244 -19.40 9.34 -3.42
N GLY A 245 -19.05 8.30 -2.65
CA GLY A 245 -18.71 7.02 -3.24
C GLY A 245 -19.91 6.36 -3.91
N TYR A 246 -21.04 6.38 -3.22
CA TYR A 246 -22.27 5.83 -3.79
C TYR A 246 -22.66 6.68 -5.01
N GLN A 247 -22.52 7.98 -4.89
CA GLN A 247 -22.91 8.89 -5.98
C GLN A 247 -22.06 8.63 -7.22
N LEU A 248 -20.76 8.44 -7.03
CA LEU A 248 -19.87 8.13 -8.13
C LEU A 248 -20.31 6.84 -8.82
N ALA A 249 -20.69 5.84 -8.02
CA ALA A 249 -21.14 4.57 -8.58
C ALA A 249 -22.36 4.78 -9.47
N ARG A 250 -23.30 5.61 -9.01
CA ARG A 250 -24.51 5.90 -9.78
C ARG A 250 -24.21 6.68 -11.05
N GLU A 251 -23.37 7.69 -10.92
CA GLU A 251 -23.16 8.65 -12.00
C GLU A 251 -22.22 8.18 -13.10
N GLU A 252 -21.21 7.39 -12.73
CA GLU A 252 -20.21 6.94 -13.71
C GLU A 252 -20.28 5.46 -14.09
N PHE A 253 -20.95 4.65 -13.28
CA PHE A 253 -20.94 3.21 -13.48
C PHE A 253 -22.32 2.56 -13.55
N GLY A 254 -23.35 3.38 -13.67
CA GLY A 254 -24.70 2.88 -13.84
C GLY A 254 -25.28 2.18 -12.62
N GLY A 255 -24.73 2.48 -11.45
CA GLY A 255 -25.17 1.84 -10.23
C GLY A 255 -26.65 2.02 -9.99
N GLU A 256 -27.33 0.93 -9.65
CA GLU A 256 -28.76 0.94 -9.41
C GLU A 256 -29.11 0.35 -8.06
N LEU A 257 -30.15 0.90 -7.46
CA LEU A 257 -30.63 0.51 -6.15
C LEU A 257 -30.93 -0.98 -6.11
N ILE A 258 -30.39 -1.68 -5.11
CA ILE A 258 -30.83 -3.03 -4.82
C ILE A 258 -31.97 -2.97 -3.80
N ASP A 259 -33.13 -3.48 -4.18
CA ASP A 259 -34.29 -3.43 -3.28
C ASP A 259 -34.54 -1.98 -2.83
N GLY A 260 -34.61 -1.76 -1.53
CA GLY A 260 -34.87 -0.43 -1.01
C GLY A 260 -33.59 0.30 -0.65
N GLY A 261 -32.45 -0.24 -1.06
CA GLY A 261 -31.17 0.37 -0.76
C GLY A 261 -30.74 0.11 0.68
N PRO A 262 -29.58 0.66 1.06
CA PRO A 262 -28.80 1.60 0.25
C PRO A 262 -27.82 0.95 -0.72
N TRP A 263 -27.69 -0.37 -0.69
CA TRP A 263 -26.72 -1.03 -1.55
C TRP A 263 -27.10 -0.85 -3.01
N LEU A 264 -26.09 -0.81 -3.86
CA LEU A 264 -26.27 -0.63 -5.31
C LEU A 264 -25.69 -1.82 -6.06
N LYS A 265 -26.18 -2.05 -7.27
CA LYS A 265 -25.53 -3.03 -8.14
C LYS A 265 -24.95 -2.31 -9.35
N VAL A 266 -23.72 -2.68 -9.69
CA VAL A 266 -23.03 -2.14 -10.86
C VAL A 266 -22.75 -3.30 -11.81
N LYS A 267 -23.16 -3.17 -13.06
CA LYS A 267 -22.98 -4.27 -14.00
C LYS A 267 -21.57 -4.24 -14.59
N ASN A 268 -20.86 -5.35 -14.47
CA ASN A 268 -19.52 -5.44 -15.07
C ASN A 268 -19.69 -5.44 -16.58
N PRO A 269 -19.19 -4.39 -17.25
CA PRO A 269 -19.41 -4.28 -18.70
C PRO A 269 -18.68 -5.34 -19.52
N ASN A 270 -17.81 -6.10 -18.88
CA ASN A 270 -17.04 -7.12 -19.57
C ASN A 270 -17.57 -8.54 -19.36
N THR A 271 -18.04 -8.82 -18.14
CA THR A 271 -18.46 -10.17 -17.80
C THR A 271 -19.94 -10.25 -17.48
N GLY A 272 -20.59 -9.10 -17.37
CA GLY A 272 -22.00 -9.05 -17.04
C GLY A 272 -22.30 -9.31 -15.57
N LYS A 273 -21.27 -9.63 -14.78
CA LYS A 273 -21.45 -9.89 -13.36
C LYS A 273 -21.97 -8.64 -12.65
N GLU A 274 -22.86 -8.83 -11.67
CA GLU A 274 -23.34 -7.70 -10.89
C GLU A 274 -22.38 -7.49 -9.71
N ILE A 275 -21.78 -6.32 -9.66
CA ILE A 275 -20.90 -5.96 -8.55
C ILE A 275 -21.71 -5.20 -7.51
N VAL A 276 -21.71 -5.68 -6.27
CA VAL A 276 -22.43 -4.99 -5.20
C VAL A 276 -21.60 -3.83 -4.66
N ILE A 277 -22.23 -2.65 -4.55
CA ILE A 277 -21.61 -1.52 -3.85
C ILE A 277 -22.35 -1.36 -2.54
N LYS A 278 -21.63 -1.47 -1.43
CA LYS A 278 -22.28 -1.43 -0.12
C LYS A 278 -21.41 -0.62 0.84
N ASP A 279 -21.84 -0.52 2.09
CA ASP A 279 -21.06 0.23 3.08
C ASP A 279 -21.21 -0.40 4.45
N VAL A 280 -20.18 -0.25 5.27
CA VAL A 280 -20.20 -0.77 6.64
C VAL A 280 -19.52 0.26 7.53
N ILE A 281 -20.08 0.52 8.72
CA ILE A 281 -19.45 1.42 9.67
C ILE A 281 -18.14 0.82 10.21
N ALA A 282 -17.12 1.65 10.39
CA ALA A 282 -15.74 1.17 10.55
C ALA A 282 -15.51 0.26 11.75
N ASP A 283 -16.12 0.57 12.90
CA ASP A 283 -15.92 -0.30 14.05
C ASP A 283 -16.53 -1.67 13.79
N ALA A 284 -17.74 -1.69 13.25
CA ALA A 284 -18.40 -2.95 12.94
C ALA A 284 -17.60 -3.71 11.88
N PHE A 285 -16.98 -2.98 10.96
CA PHE A 285 -16.22 -3.64 9.90
C PHE A 285 -15.03 -4.44 10.46
N LEU A 286 -14.39 -3.92 11.51
CA LEU A 286 -13.29 -4.64 12.13
C LEU A 286 -13.78 -5.95 12.78
N GLN A 287 -15.08 -6.04 13.06
CA GLN A 287 -15.67 -7.28 13.54
C GLN A 287 -16.01 -8.17 12.36
N GLN A 288 -16.61 -7.58 11.33
CA GLN A 288 -17.05 -8.32 10.16
C GLN A 288 -15.90 -9.04 9.43
N ILE A 289 -14.72 -8.46 9.41
CA ILE A 289 -13.62 -9.11 8.69
C ILE A 289 -13.19 -10.40 9.42
N LEU A 290 -13.48 -10.49 10.71
CA LEU A 290 -13.19 -11.72 11.45
C LEU A 290 -14.34 -12.70 11.36
N LEU A 291 -15.56 -12.18 11.43
CA LEU A 291 -16.74 -13.04 11.57
C LEU A 291 -17.38 -13.46 10.25
N ARG A 292 -17.25 -12.61 9.22
CA ARG A 292 -17.85 -12.89 7.91
CA ARG A 292 -17.84 -12.89 7.91
C ARG A 292 -16.91 -12.46 6.78
N PRO A 293 -15.64 -12.89 6.84
CA PRO A 293 -14.66 -12.44 5.85
C PRO A 293 -15.08 -12.72 4.41
N ALA A 294 -15.80 -13.82 4.17
CA ALA A 294 -16.15 -14.19 2.80
C ALA A 294 -17.09 -13.19 2.12
N GLU A 295 -17.74 -12.34 2.90
CA GLU A 295 -18.70 -11.40 2.34
CA GLU A 295 -18.71 -11.40 2.35
C GLU A 295 -18.05 -10.13 1.80
N TYR A 296 -16.73 -10.03 1.96
CA TYR A 296 -16.01 -8.81 1.59
C TYR A 296 -14.94 -9.07 0.54
N ASP A 297 -14.70 -8.06 -0.29
CA ASP A 297 -13.82 -8.22 -1.43
C ASP A 297 -12.97 -6.96 -1.60
N VAL A 298 -13.40 -6.07 -2.49
CA VAL A 298 -12.72 -4.78 -2.63
C VAL A 298 -13.24 -3.81 -1.56
N ILE A 299 -12.31 -3.13 -0.90
CA ILE A 299 -12.64 -2.19 0.18
C ILE A 299 -12.18 -0.80 -0.24
N ALA A 300 -13.04 0.21 -0.07
CA ALA A 300 -12.64 1.59 -0.34
C ALA A 300 -12.83 2.41 0.93
N CYS A 301 -11.78 3.08 1.38
CA CYS A 301 -11.87 3.77 2.67
C CYS A 301 -10.87 4.91 2.72
N MET A 302 -11.01 5.76 3.75
CA MET A 302 -10.14 6.90 3.91
C MET A 302 -8.80 6.48 4.50
N ASN A 303 -7.90 7.45 4.58
CA ASN A 303 -6.50 7.22 4.91
C ASN A 303 -6.29 6.47 6.23
N LEU A 304 -6.82 7.02 7.32
CA LEU A 304 -6.55 6.44 8.63
C LEU A 304 -7.25 5.08 8.75
N ASN A 305 -8.50 5.01 8.32
CA ASN A 305 -9.23 3.74 8.38
C ASN A 305 -8.50 2.66 7.58
N GLY A 306 -7.94 3.05 6.44
CA GLY A 306 -7.21 2.12 5.59
C GLY A 306 -5.93 1.63 6.26
N ASP A 307 -5.26 2.52 6.97
CA ASP A 307 -4.09 2.16 7.76
C ASP A 307 -4.43 1.02 8.72
N TYR A 308 -5.54 1.18 9.43
CA TYR A 308 -5.94 0.21 10.45
C TYR A 308 -6.41 -1.10 9.82
N ILE A 309 -7.27 -0.99 8.82
CA ILE A 309 -7.84 -2.16 8.17
C ILE A 309 -6.77 -3.03 7.50
N SER A 310 -5.82 -2.40 6.81
CA SER A 310 -4.80 -3.19 6.13
C SER A 310 -3.92 -3.97 7.14
N ASP A 311 -3.62 -3.36 8.29
CA ASP A 311 -2.88 -4.08 9.34
C ASP A 311 -3.71 -5.20 9.97
N ALA A 312 -4.96 -4.93 10.27
CA ALA A 312 -5.81 -5.93 10.94
C ALA A 312 -5.97 -7.16 10.02
N LEU A 313 -6.18 -6.91 8.74
CA LEU A 313 -6.34 -8.00 7.78
C LEU A 313 -5.06 -8.80 7.63
N ALA A 314 -3.93 -8.10 7.50
CA ALA A 314 -2.65 -8.80 7.36
C ALA A 314 -2.38 -9.74 8.53
N ALA A 315 -2.70 -9.29 9.74
CA ALA A 315 -2.45 -10.11 10.92
C ALA A 315 -3.27 -11.40 10.89
N GLN A 316 -4.51 -11.31 10.44
CA GLN A 316 -5.40 -12.43 10.58
C GLN A 316 -5.03 -13.56 9.62
N VAL A 317 -4.43 -13.23 8.48
CA VAL A 317 -3.99 -14.26 7.55
C VAL A 317 -2.58 -14.73 7.82
N GLY A 318 -2.03 -14.33 8.96
CA GLY A 318 -0.68 -14.71 9.33
C GLY A 318 0.32 -13.99 8.47
N GLY A 319 -0.10 -12.86 7.88
CA GLY A 319 0.70 -12.17 6.89
C GLY A 319 1.36 -10.87 7.34
N ILE A 320 1.54 -10.71 8.65
CA ILE A 320 2.13 -9.48 9.18
C ILE A 320 3.46 -9.09 8.52
N GLY A 321 4.27 -10.08 8.14
CA GLY A 321 5.57 -9.81 7.55
C GLY A 321 5.65 -10.08 6.04
N ILE A 322 4.52 -10.45 5.43
CA ILE A 322 4.51 -10.70 3.99
C ILE A 322 3.39 -9.97 3.26
N ALA A 323 2.96 -8.84 3.83
CA ALA A 323 1.86 -8.09 3.23
C ALA A 323 2.40 -7.14 2.17
N PRO A 324 1.93 -7.28 0.92
CA PRO A 324 2.39 -6.40 -0.16
C PRO A 324 1.66 -5.06 -0.14
N GLY A 325 2.22 -4.06 -0.81
CA GLY A 325 1.59 -2.76 -0.88
C GLY A 325 2.10 -1.94 -2.04
N ALA A 326 1.22 -1.14 -2.61
CA ALA A 326 1.60 -0.19 -3.65
C ALA A 326 1.05 1.19 -3.32
N ASN A 327 1.72 2.22 -3.83
CA ASN A 327 1.19 3.57 -3.78
C ASN A 327 1.12 4.05 -5.21
N ILE A 328 -0.11 4.26 -5.70
CA ILE A 328 -0.30 4.51 -7.13
C ILE A 328 -0.95 5.87 -7.38
N GLY A 329 -0.38 6.62 -8.31
CA GLY A 329 -0.98 7.86 -8.76
C GLY A 329 -1.15 7.84 -10.27
N ASP A 330 -1.54 8.97 -10.84
CA ASP A 330 -1.82 9.03 -12.28
C ASP A 330 -0.56 9.10 -13.13
N GLU A 331 0.55 9.54 -12.53
CA GLU A 331 1.80 9.72 -13.26
C GLU A 331 2.90 8.73 -12.90
N CYS A 332 2.83 8.14 -11.70
CA CYS A 332 3.82 7.16 -11.34
C CYS A 332 3.31 6.25 -10.22
N ALA A 333 4.13 5.31 -9.80
CA ALA A 333 3.73 4.33 -8.78
C ALA A 333 4.95 3.85 -8.03
N LEU A 334 4.79 3.64 -6.73
CA LEU A 334 5.89 3.27 -5.85
C LEU A 334 5.46 2.08 -5.00
N PHE A 335 6.08 0.93 -5.22
CA PHE A 335 5.73 -0.28 -4.50
C PHE A 335 6.59 -0.39 -3.25
N GLU A 336 6.05 -0.98 -2.17
CA GLU A 336 6.77 -0.91 -0.90
C GLU A 336 6.66 -2.13 0.01
N ALA A 337 7.75 -2.43 0.72
CA ALA A 337 7.69 -3.33 1.87
C ALA A 337 6.79 -2.61 2.87
N THR A 338 5.88 -3.33 3.53
CA THR A 338 4.89 -2.66 4.38
C THR A 338 5.21 -2.80 5.85
N HIS A 339 6.25 -3.56 6.17
CA HIS A 339 6.68 -3.72 7.55
C HIS A 339 7.70 -2.63 7.88
N GLY A 340 8.16 -2.58 9.13
CA GLY A 340 9.15 -1.61 9.55
C GLY A 340 10.59 -2.03 9.32
N THR A 341 11.54 -1.29 9.89
CA THR A 341 12.95 -1.52 9.63
C THR A 341 13.61 -2.57 10.51
N ALA A 342 12.91 -2.99 11.57
CA ALA A 342 13.38 -4.05 12.47
C ALA A 342 14.91 -4.05 12.67
N PRO A 343 15.47 -2.94 13.16
CA PRO A 343 16.93 -2.78 13.17
C PRO A 343 17.66 -3.83 14.02
N LYS A 344 17.00 -4.46 14.97
CA LYS A 344 17.66 -5.48 15.78
C LYS A 344 18.17 -6.67 14.96
N TYR A 345 17.53 -6.92 13.83
CA TYR A 345 17.90 -8.06 12.97
C TYR A 345 18.66 -7.65 11.72
N ALA A 346 18.86 -6.36 11.53
CA ALA A 346 19.46 -5.85 10.28
C ALA A 346 20.84 -6.45 10.00
N GLY A 347 20.99 -7.00 8.79
CA GLY A 347 22.27 -7.54 8.36
C GLY A 347 22.47 -9.00 8.74
N GLN A 348 21.52 -9.56 9.48
CA GLN A 348 21.61 -10.95 9.92
C GLN A 348 21.03 -11.95 8.92
N ASP A 349 20.52 -11.46 7.80
CA ASP A 349 19.95 -12.35 6.78
C ASP A 349 18.90 -13.26 7.41
N LYS A 350 18.04 -12.69 8.24
CA LYS A 350 17.12 -13.48 9.04
C LYS A 350 15.63 -13.28 8.72
N VAL A 351 15.23 -12.04 8.47
CA VAL A 351 13.81 -11.72 8.40
C VAL A 351 13.16 -12.18 7.09
N ASN A 352 11.84 -12.13 7.05
CA ASN A 352 11.05 -12.58 5.91
C ASN A 352 11.07 -11.53 4.80
N PRO A 353 11.60 -11.87 3.60
CA PRO A 353 11.54 -10.94 2.48
C PRO A 353 10.21 -11.01 1.73
N GLY A 354 9.25 -11.75 2.27
CA GLY A 354 8.00 -11.98 1.57
C GLY A 354 7.21 -10.73 1.24
N SER A 355 7.23 -9.74 2.13
CA SER A 355 6.45 -8.53 1.87
C SER A 355 6.98 -7.77 0.65
N ILE A 356 8.27 -7.48 0.63
CA ILE A 356 8.82 -6.74 -0.50
C ILE A 356 8.77 -7.57 -1.80
N ILE A 357 8.92 -8.89 -1.69
CA ILE A 357 8.80 -9.76 -2.88
C ILE A 357 7.39 -9.72 -3.47
N LEU A 358 6.38 -9.74 -2.61
CA LEU A 358 5.00 -9.67 -3.11
C LEU A 358 4.61 -8.27 -3.58
N SER A 359 5.27 -7.24 -3.04
CA SER A 359 5.07 -5.90 -3.60
C SER A 359 5.71 -5.84 -4.99
N ALA A 360 6.81 -6.56 -5.17
CA ALA A 360 7.44 -6.65 -6.48
C ALA A 360 6.55 -7.42 -7.46
N GLU A 361 5.82 -8.41 -6.95
CA GLU A 361 4.82 -9.10 -7.76
C GLU A 361 3.78 -8.09 -8.26
N MET A 362 3.32 -7.23 -7.36
CA MET A 362 2.36 -6.20 -7.75
C MET A 362 2.98 -5.28 -8.80
N MET A 363 4.26 -4.99 -8.64
CA MET A 363 4.97 -4.11 -9.55
C MET A 363 5.02 -4.72 -10.95
N LEU A 364 5.43 -5.98 -11.03
CA LEU A 364 5.47 -6.67 -12.32
C LEU A 364 4.09 -6.68 -12.97
N ARG A 365 3.05 -6.95 -12.18
CA ARG A 365 1.69 -6.97 -12.71
C ARG A 365 1.30 -5.59 -13.25
N HIS A 366 1.66 -4.54 -12.50
CA HIS A 366 1.41 -3.15 -12.89
C HIS A 366 2.06 -2.83 -14.23
N MET A 367 3.23 -3.43 -14.46
CA MET A 367 3.99 -3.22 -15.71
C MET A 367 3.42 -4.03 -16.88
N GLY A 368 2.43 -4.88 -16.59
CA GLY A 368 1.86 -5.77 -17.58
C GLY A 368 2.67 -7.04 -17.77
N TRP A 369 3.66 -7.26 -16.91
CA TRP A 369 4.47 -8.47 -16.96
C TRP A 369 3.83 -9.55 -16.10
N THR A 370 2.61 -9.95 -16.47
CA THR A 370 1.80 -10.82 -15.62
C THR A 370 2.35 -12.23 -15.50
N GLU A 371 3.05 -12.70 -16.52
CA GLU A 371 3.66 -14.02 -16.47
C GLU A 371 4.73 -14.11 -15.40
N ALA A 372 5.60 -13.11 -15.35
CA ALA A 372 6.62 -13.04 -14.30
C ALA A 372 5.99 -12.89 -12.93
N ALA A 373 4.96 -12.05 -12.83
CA ALA A 373 4.22 -11.91 -11.57
C ALA A 373 3.62 -13.25 -11.13
N ASP A 374 3.01 -13.98 -12.07
CA ASP A 374 2.42 -15.28 -11.75
C ASP A 374 3.45 -16.28 -11.23
N LEU A 375 4.67 -16.22 -11.77
CA LEU A 375 5.75 -17.09 -11.29
C LEU A 375 6.15 -16.80 -9.83
N ILE A 376 6.16 -15.53 -9.45
CA ILE A 376 6.44 -15.19 -8.05
C ILE A 376 5.34 -15.74 -7.12
N VAL A 377 4.08 -15.54 -7.50
CA VAL A 377 2.97 -16.09 -6.72
C VAL A 377 3.12 -17.61 -6.57
N LYS A 378 3.40 -18.27 -7.69
CA LYS A 378 3.56 -19.72 -7.69
C LYS A 378 4.72 -20.13 -6.79
N GLY A 379 5.83 -19.40 -6.91
CA GLY A 379 7.00 -19.66 -6.09
C GLY A 379 6.72 -19.49 -4.61
N MET A 380 6.04 -18.39 -4.28
CA MET A 380 5.72 -18.10 -2.89
C MET A 380 4.79 -19.19 -2.34
N GLU A 381 3.77 -19.55 -3.11
CA GLU A 381 2.87 -20.63 -2.71
C GLU A 381 3.60 -21.95 -2.42
N GLY A 382 4.50 -22.34 -3.33
CA GLY A 382 5.21 -23.60 -3.16
C GLY A 382 6.15 -23.62 -1.97
N ALA A 383 6.88 -22.53 -1.76
CA ALA A 383 7.85 -22.46 -0.68
C ALA A 383 7.16 -22.54 0.68
N ILE A 384 6.03 -21.86 0.80
CA ILE A 384 5.30 -21.88 2.06
C ILE A 384 4.66 -23.26 2.27
N ASN A 385 4.05 -23.79 1.22
CA ASN A 385 3.50 -25.15 1.27
C ASN A 385 4.54 -26.18 1.66
N ALA A 386 5.78 -25.95 1.22
CA ALA A 386 6.90 -26.85 1.51
C ALA A 386 7.38 -26.77 2.96
N LYS A 387 6.85 -25.80 3.70
CA LYS A 387 7.31 -25.53 5.06
C LYS A 387 8.80 -25.18 5.10
N THR A 388 9.31 -24.64 4.01
CA THR A 388 10.68 -24.15 3.97
C THR A 388 10.62 -22.63 4.11
N VAL A 389 10.80 -22.12 5.33
CA VAL A 389 10.41 -20.75 5.66
C VAL A 389 11.36 -20.04 6.63
N THR A 390 11.21 -18.72 6.73
CA THR A 390 12.01 -17.91 7.66
C THR A 390 11.52 -18.06 9.11
N TYR A 391 12.31 -17.58 10.07
CA TYR A 391 12.08 -17.85 11.49
C TYR A 391 10.70 -17.45 11.97
N ASP A 392 10.15 -16.39 11.38
CA ASP A 392 8.87 -15.86 11.84
C ASP A 392 7.71 -16.79 11.57
N PHE A 393 7.80 -17.58 10.51
CA PHE A 393 6.83 -18.65 10.26
C PHE A 393 7.24 -19.89 11.03
N GLU A 394 8.53 -20.24 10.93
CA GLU A 394 9.03 -21.49 11.49
C GLU A 394 8.70 -21.65 12.98
N ARG A 395 8.85 -20.57 13.74
CA ARG A 395 8.60 -20.65 15.18
C ARG A 395 7.14 -20.91 15.53
N LEU A 396 6.25 -20.78 14.56
CA LEU A 396 4.82 -20.98 14.82
C LEU A 396 4.34 -22.32 14.29
N MET A 397 5.26 -23.10 13.73
CA MET A 397 4.91 -24.35 13.06
C MET A 397 5.68 -25.52 13.63
N ASP A 398 5.18 -26.72 13.39
CA ASP A 398 5.93 -27.93 13.66
C ASP A 398 6.38 -28.55 12.35
N GLY A 399 7.59 -29.11 12.35
CA GLY A 399 8.09 -29.85 11.19
C GLY A 399 8.50 -28.98 10.03
N ALA A 400 8.80 -27.71 10.31
CA ALA A 400 9.24 -26.79 9.27
C ALA A 400 10.76 -26.78 9.17
N LYS A 401 11.26 -26.42 8.00
CA LYS A 401 12.69 -26.21 7.84
C LYS A 401 13.00 -24.72 7.89
N LEU A 402 13.85 -24.34 8.83
CA LEU A 402 14.25 -22.95 9.02
C LEU A 402 15.21 -22.47 7.92
N LEU A 403 14.81 -21.43 7.20
CA LEU A 403 15.66 -20.83 6.19
C LEU A 403 16.05 -19.40 6.55
N LYS A 404 17.25 -19.01 6.13
CA LYS A 404 17.64 -17.61 6.17
C LYS A 404 16.81 -16.81 5.17
N CYS A 405 16.91 -15.48 5.26
CA CYS A 405 16.21 -14.59 4.34
C CYS A 405 16.59 -14.90 2.90
N SER A 406 17.90 -14.87 2.62
CA SER A 406 18.41 -15.19 1.30
C SER A 406 17.92 -16.56 0.83
N GLU A 407 17.97 -17.54 1.73
CA GLU A 407 17.56 -18.90 1.40
C GLU A 407 16.07 -19.03 1.06
N PHE A 408 15.23 -18.26 1.75
CA PHE A 408 13.82 -18.25 1.41
C PHE A 408 13.59 -17.65 0.02
N GLY A 409 14.38 -16.63 -0.33
CA GLY A 409 14.35 -16.12 -1.68
C GLY A 409 14.64 -17.23 -2.68
N ASP A 410 15.65 -18.04 -2.37
CA ASP A 410 16.00 -19.15 -3.27
C ASP A 410 14.88 -20.19 -3.35
N ALA A 411 14.24 -20.45 -2.21
CA ALA A 411 13.13 -21.39 -2.16
C ALA A 411 11.98 -20.95 -3.05
N ILE A 412 11.74 -19.64 -3.09
CA ILE A 412 10.70 -19.12 -3.96
C ILE A 412 11.07 -19.42 -5.43
N ILE A 413 12.31 -19.12 -5.79
CA ILE A 413 12.79 -19.42 -7.15
C ILE A 413 12.70 -20.92 -7.45
N GLU A 414 13.13 -21.75 -6.49
CA GLU A 414 13.06 -23.20 -6.63
C GLU A 414 11.66 -23.70 -6.95
N ASN A 415 10.64 -22.97 -6.47
CA ASN A 415 9.25 -23.39 -6.65
C ASN A 415 8.53 -22.74 -7.85
N MET A 416 9.25 -21.98 -8.64
CA MET A 416 8.66 -21.36 -9.81
C MET A 416 8.41 -22.39 -10.91
P1 A2P B . 9.76 -10.01 16.27
O1P A2P B . 8.70 -10.44 17.39
O2P A2P B . 10.91 -9.10 16.94
O3P A2P B . 10.37 -11.22 15.70
P2 A2P B . 9.42 -2.32 13.59
O4P A2P B . 7.91 -1.90 13.19
O5P A2P B . 10.34 -2.34 12.44
O6P A2P B . 9.98 -1.34 14.73
O5' A2P B . 9.15 -3.79 14.16
C5' A2P B . 10.01 -4.88 13.82
C4' A2P B . 9.36 -6.13 14.39
O4' A2P B . 8.30 -6.57 13.54
C3' A2P B . 10.36 -7.26 14.54
O3' A2P B . 10.73 -7.37 15.91
C2' A2P B . 9.61 -8.49 14.04
O2' A2P B . 8.98 -9.20 15.11
C1' A2P B . 8.51 -7.93 13.17
N9 A2P B . 8.81 -7.95 11.71
C8 A2P B . 8.75 -6.87 10.89
N7 A2P B . 9.06 -7.21 9.61
C5 A2P B . 9.30 -8.53 9.58
C6 A2P B . 9.68 -9.52 8.56
N6 A2P B . 9.83 -9.14 7.25
N1 A2P B . 9.84 -10.80 8.97
C2 A2P B . 9.67 -11.18 10.24
N3 A2P B . 9.33 -10.33 11.24
C4 A2P B . 9.13 -9.01 10.97
C1 ICT C . 2.00 2.41 6.87
O1 ICT C . 2.55 2.54 5.76
O2 ICT C . 0.95 1.73 6.97
C2 ICT C . 2.60 3.07 8.07
O7 ICT C . 1.82 2.80 9.25
C3 ICT C . 2.65 4.59 7.88
C4 ICT C . 3.36 5.29 9.03
C5 ICT C . 4.83 4.93 9.10
O3 ICT C . 5.62 5.51 8.34
O4 ICT C . 5.18 4.07 9.94
C6 ICT C . 1.25 5.10 7.81
O5 ICT C . 0.65 5.04 6.70
O6 ICT C . 0.70 5.55 8.85
MG MG D . 0.18 1.31 8.96
O3P NMN E . 12.43 -5.87 20.42
P NMN E . 12.19 -5.29 21.77
O1P NMN E . 13.58 -4.84 22.46
O2P NMN E . 11.41 -6.34 22.72
O5R NMN E . 11.16 -4.05 21.69
C5R NMN E . 10.74 -3.51 20.44
C4R NMN E . 9.74 -2.39 20.71
O4R NMN E . 9.10 -2.66 21.96
C3R NMN E . 10.45 -1.06 20.84
O3R NMN E . 9.77 -0.10 20.02
C2R NMN E . 10.34 -0.65 22.28
O2R NMN E . 9.82 0.68 22.37
C1R NMN E . 9.36 -1.63 22.92
N1 NMN E . 9.92 -2.19 24.16
C2 NMN E . 10.36 -1.37 25.12
C3 NMN E . 10.89 -1.88 26.32
C7 NMN E . 11.38 -0.94 27.38
O7 NMN E . 11.11 0.24 27.30
N7 NMN E . 12.09 -1.42 28.40
C4 NMN E . 10.94 -3.25 26.51
C5 NMN E . 10.48 -4.07 25.51
C6 NMN E . 9.96 -3.53 24.34
S SO4 F . 9.49 15.09 16.49
O1 SO4 F . 10.60 15.99 16.70
O2 SO4 F . 8.47 15.78 15.70
O3 SO4 F . 9.95 13.90 15.76
O4 SO4 F . 8.92 14.68 17.77
#